data_6GQZ
#
_entry.id   6GQZ
#
_cell.length_a   38.990
_cell.length_b   65.950
_cell.length_c   67.940
_cell.angle_alpha   90.000
_cell.angle_beta   96.770
_cell.angle_gamma   90.000
#
_symmetry.space_group_name_H-M   'P 1 21 1'
#
loop_
_entity.id
_entity.type
_entity.pdbx_description
1 polymer 'Neutrophil gelatinase-associated lipocalin'
2 water water
#
_entity_poly.entity_id   1
_entity_poly.type   'polypeptide(L)'
_entity_poly.pdbx_seq_one_letter_code
;SDLIPAPPLSKVPLQQNFQDNQFHGKWYVVGFAENIQQREDKDPPKMIATIYELKEDKSYNVTNVASNWEKCTYRIKTFV
PGSQPGEFTLGEIKSRPGMTSYLVRVVSTNYNQHAMVFFKTVVQNREKFWITLYGRTKELTSELKENFIRFSKSLGLPEN
HIVFPVPIDQCIDG
;
_entity_poly.pdbx_strand_id   A,B
#
# COMPACT_ATOMS: atom_id res chain seq x y z
N SER A 1 -30.56 -13.43 -22.87
CA SER A 1 -30.87 -12.00 -23.22
C SER A 1 -29.64 -11.36 -23.89
N ASP A 2 -29.85 -10.20 -24.51
CA ASP A 2 -28.76 -9.27 -24.82
C ASP A 2 -27.98 -8.98 -23.51
N LEU A 3 -26.69 -8.65 -23.66
CA LEU A 3 -25.93 -8.13 -22.56
C LEU A 3 -26.57 -6.83 -22.10
N ILE A 4 -26.64 -6.67 -20.80
CA ILE A 4 -26.94 -5.39 -20.20
C ILE A 4 -25.67 -4.56 -20.25
N PRO A 5 -25.68 -3.42 -20.97
CA PRO A 5 -24.46 -2.64 -21.14
C PRO A 5 -24.10 -1.85 -19.88
N ALA A 6 -22.82 -1.53 -19.74
CA ALA A 6 -22.41 -0.64 -18.73
C ALA A 6 -23.03 0.71 -19.02
N PRO A 7 -23.48 1.43 -17.97
CA PRO A 7 -23.99 2.77 -18.16
C PRO A 7 -22.83 3.71 -18.47
N PRO A 8 -23.10 4.89 -19.08
CA PRO A 8 -22.07 5.90 -19.21
C PRO A 8 -21.64 6.28 -17.79
N LEU A 9 -20.35 6.60 -17.63
CA LEU A 9 -19.84 6.88 -16.29
C LEU A 9 -20.45 8.16 -15.73
N SER A 10 -21.01 9.04 -16.60
CA SER A 10 -21.75 10.24 -16.17
C SER A 10 -22.92 9.89 -15.26
N LYS A 11 -23.44 8.66 -15.40
CA LYS A 11 -24.59 8.23 -14.61
C LYS A 11 -24.17 7.61 -13.28
N VAL A 12 -22.86 7.52 -13.03
CA VAL A 12 -22.37 6.93 -11.80
C VAL A 12 -21.75 8.03 -10.93
N PRO A 13 -22.43 8.45 -9.84
CA PRO A 13 -21.89 9.49 -8.99
C PRO A 13 -20.56 9.06 -8.34
N LEU A 14 -19.70 10.06 -8.08
CA LEU A 14 -18.49 9.89 -7.31
C LEU A 14 -18.71 10.57 -5.96
N GLN A 15 -18.46 9.82 -4.89
CA GLN A 15 -18.53 10.37 -3.55
C GLN A 15 -17.59 11.57 -3.46
N GLN A 16 -18.17 12.73 -3.14
CA GLN A 16 -17.39 13.94 -2.98
CA GLN A 16 -17.41 13.95 -2.97
C GLN A 16 -16.47 13.83 -1.76
N ASN A 17 -15.29 14.46 -1.85
CA ASN A 17 -14.36 14.57 -0.74
CA ASN A 17 -14.33 14.57 -0.77
C ASN A 17 -14.00 13.18 -0.19
N PHE A 18 -13.73 12.23 -1.07
CA PHE A 18 -13.42 10.91 -0.59
C PHE A 18 -12.19 10.92 0.32
N GLN A 19 -12.30 10.21 1.46
CA GLN A 19 -11.24 10.13 2.48
C GLN A 19 -10.71 8.70 2.61
N ASP A 20 -9.54 8.45 2.00
CA ASP A 20 -9.01 7.11 1.91
C ASP A 20 -8.77 6.50 3.30
N ASN A 21 -8.33 7.33 4.25
CA ASN A 21 -7.99 6.82 5.59
C ASN A 21 -9.25 6.66 6.45
N GLN A 22 -10.45 7.04 5.98
CA GLN A 22 -11.70 6.73 6.68
CA GLN A 22 -11.68 6.71 6.68
C GLN A 22 -12.42 5.55 6.01
N PHE A 23 -12.10 5.29 4.73
CA PHE A 23 -12.74 4.16 4.03
C PHE A 23 -12.04 2.84 4.35
N HIS A 24 -10.83 2.91 4.91
CA HIS A 24 -10.02 1.77 5.32
CA HIS A 24 -10.09 1.70 5.19
C HIS A 24 -10.80 0.82 6.23
N GLY A 25 -10.37 -0.42 6.28
CA GLY A 25 -10.83 -1.41 7.21
C GLY A 25 -11.81 -2.37 6.56
N LYS A 26 -12.56 -3.07 7.42
CA LYS A 26 -13.41 -4.16 6.96
C LYS A 26 -14.81 -3.67 6.63
N TRP A 27 -15.27 -4.11 5.47
CA TRP A 27 -16.63 -3.94 4.99
C TRP A 27 -17.23 -5.32 4.69
N TYR A 28 -18.50 -5.49 5.05
CA TYR A 28 -19.28 -6.65 4.68
C TYR A 28 -20.07 -6.37 3.41
N VAL A 29 -20.12 -7.36 2.51
CA VAL A 29 -20.86 -7.21 1.30
C VAL A 29 -22.32 -7.61 1.58
N VAL A 30 -23.10 -6.59 1.93
CA VAL A 30 -24.49 -6.72 2.31
C VAL A 30 -25.37 -6.87 1.06
N GLY A 31 -24.99 -6.23 -0.03
CA GLY A 31 -25.73 -6.40 -1.27
C GLY A 31 -24.81 -6.39 -2.45
N PHE A 32 -25.21 -7.05 -3.53
CA PHE A 32 -24.43 -7.18 -4.74
CA PHE A 32 -24.48 -6.83 -4.76
C PHE A 32 -25.38 -7.13 -5.94
N ALA A 33 -25.03 -6.45 -7.03
CA ALA A 33 -25.87 -6.46 -8.22
C ALA A 33 -24.94 -6.44 -9.42
N GLU A 34 -25.10 -7.38 -10.36
CA GLU A 34 -24.18 -7.42 -11.47
C GLU A 34 -24.98 -7.51 -12.75
N ASN A 35 -24.31 -7.23 -13.86
CA ASN A 35 -24.98 -7.21 -15.18
C ASN A 35 -25.19 -8.60 -15.78
N ILE A 36 -24.75 -9.66 -15.12
CA ILE A 36 -25.21 -11.04 -15.46
C ILE A 36 -26.34 -11.46 -14.51
N GLN A 37 -27.38 -12.10 -15.08
CA GLN A 37 -28.59 -12.50 -14.37
C GLN A 37 -28.24 -13.55 -13.31
N GLN A 38 -28.76 -13.32 -12.10
CA GLN A 38 -28.44 -14.06 -10.88
C GLN A 38 -28.00 -15.50 -11.21
N ARG A 39 -28.92 -16.32 -11.73
CA ARG A 39 -28.70 -17.73 -12.17
C ARG A 39 -30.01 -18.53 -12.14
N GLU A 40 -30.96 -18.13 -11.28
CA GLU A 40 -32.40 -18.46 -11.39
C GLU A 40 -32.90 -19.19 -10.12
N ASP A 41 -32.34 -20.37 -9.83
CA ASP A 41 -32.76 -21.22 -8.69
C ASP A 41 -31.59 -21.36 -7.68
N LYS A 42 -30.67 -20.40 -7.67
CA LYS A 42 -29.36 -20.64 -7.08
C LYS A 42 -29.45 -20.56 -5.55
N ASP A 43 -28.58 -21.34 -4.90
CA ASP A 43 -28.39 -21.32 -3.47
C ASP A 43 -28.10 -19.87 -3.06
N PRO A 44 -28.79 -19.23 -2.09
CA PRO A 44 -28.40 -17.89 -1.64
C PRO A 44 -26.94 -17.84 -1.23
N PRO A 45 -26.12 -16.89 -1.71
CA PRO A 45 -24.70 -16.92 -1.38
C PRO A 45 -24.47 -16.49 0.06
N LYS A 46 -23.45 -17.10 0.67
CA LYS A 46 -22.96 -16.62 1.97
C LYS A 46 -22.25 -15.28 1.80
N MET A 47 -22.42 -14.44 2.81
CA MET A 47 -21.78 -13.13 2.86
C MET A 47 -20.27 -13.26 2.92
N ILE A 48 -19.61 -12.33 2.21
CA ILE A 48 -18.16 -12.17 2.31
C ILE A 48 -17.85 -10.86 3.01
N ALA A 49 -16.60 -10.75 3.47
CA ALA A 49 -16.06 -9.47 3.91
C ALA A 49 -14.99 -9.03 2.90
N THR A 50 -14.80 -7.73 2.79
CA THR A 50 -13.75 -7.13 2.01
C THR A 50 -13.00 -6.15 2.89
N ILE A 51 -11.70 -6.39 3.04
CA ILE A 51 -10.87 -5.55 3.87
C ILE A 51 -10.06 -4.64 2.96
N TYR A 52 -10.20 -3.33 3.19
CA TYR A 52 -9.45 -2.29 2.48
C TYR A 52 -8.32 -1.80 3.38
N GLU A 53 -7.09 -2.20 3.07
CA GLU A 53 -5.95 -1.81 3.89
C GLU A 53 -5.21 -0.73 3.14
N LEU A 54 -5.21 0.50 3.67
CA LEU A 54 -4.54 1.60 3.04
C LEU A 54 -3.04 1.46 3.30
N LYS A 55 -2.26 1.36 2.22
CA LYS A 55 -0.84 1.17 2.33
C LYS A 55 -0.10 2.49 2.24
N GLU A 56 1.17 2.47 2.67
CA GLU A 56 1.92 3.69 2.69
C GLU A 56 2.25 4.20 1.29
N ASP A 57 2.09 3.37 0.24
CA ASP A 57 2.26 3.82 -1.15
C ASP A 57 0.96 4.38 -1.73
N LYS A 58 -0.07 4.51 -0.88
CA LYS A 58 -1.40 5.11 -1.17
C LYS A 58 -2.37 4.14 -1.87
N SER A 59 -1.93 2.94 -2.22
CA SER A 59 -2.84 1.94 -2.78
CA SER A 59 -2.84 1.93 -2.77
C SER A 59 -3.58 1.24 -1.62
N TYR A 60 -4.69 0.58 -1.95
CA TYR A 60 -5.31 -0.37 -1.04
C TYR A 60 -4.92 -1.78 -1.41
N ASN A 61 -4.54 -2.54 -0.39
CA ASN A 61 -4.62 -3.99 -0.47
CA ASN A 61 -4.60 -3.98 -0.43
C ASN A 61 -6.05 -4.35 -0.12
N VAL A 62 -6.70 -5.08 -1.03
CA VAL A 62 -8.12 -5.39 -0.91
C VAL A 62 -8.26 -6.89 -0.77
N THR A 63 -8.70 -7.35 0.40
CA THR A 63 -8.79 -8.77 0.66
C THR A 63 -10.25 -9.18 0.78
N ASN A 64 -10.69 -10.11 -0.07
CA ASN A 64 -11.98 -10.72 0.05
C ASN A 64 -11.82 -12.00 0.88
N VAL A 65 -12.65 -12.09 1.91
CA VAL A 65 -12.63 -13.22 2.84
C VAL A 65 -13.97 -13.93 2.71
N ALA A 66 -13.94 -15.23 2.45
CA ALA A 66 -15.16 -16.02 2.21
C ALA A 66 -15.06 -17.40 2.87
N SER A 67 -16.24 -17.90 3.25
CA SER A 67 -16.42 -19.33 3.57
C SER A 67 -16.59 -20.18 2.30
N ASN A 68 -16.03 -21.42 2.36
CA ASN A 68 -16.14 -22.67 1.48
C ASN A 68 -16.09 -23.92 2.43
N TRP A 69 -16.14 -25.23 2.04
CA TRP A 69 -16.43 -26.35 3.09
C TRP A 69 -15.34 -26.38 4.17
N GLU A 70 -15.70 -26.05 5.41
CA GLU A 70 -14.77 -26.10 6.60
C GLU A 70 -13.46 -25.38 6.31
N LYS A 71 -13.55 -24.32 5.51
CA LYS A 71 -12.36 -23.53 5.23
C LYS A 71 -12.78 -22.10 4.95
N CYS A 72 -11.80 -21.23 5.11
CA CYS A 72 -11.92 -19.86 4.78
C CYS A 72 -10.90 -19.56 3.70
N THR A 73 -11.31 -18.70 2.75
CA THR A 73 -10.41 -18.33 1.66
C THR A 73 -10.25 -16.81 1.65
N TYR A 74 -9.00 -16.39 1.45
CA TYR A 74 -8.61 -14.98 1.36
C TYR A 74 -8.03 -14.79 -0.05
N ARG A 75 -8.50 -13.77 -0.77
CA ARG A 75 -7.99 -13.41 -2.10
C ARG A 75 -7.66 -11.93 -2.06
N ILE A 76 -6.48 -11.58 -2.56
CA ILE A 76 -5.98 -10.23 -2.45
C ILE A 76 -5.80 -9.65 -3.84
N LYS A 77 -6.19 -8.39 -3.98
CA LYS A 77 -5.87 -7.55 -5.15
C LYS A 77 -5.54 -6.15 -4.66
N THR A 78 -5.09 -5.32 -5.60
CA THR A 78 -4.62 -3.99 -5.29
C THR A 78 -5.48 -2.97 -6.05
N PHE A 79 -5.97 -1.95 -5.31
CA PHE A 79 -6.63 -0.83 -5.95
C PHE A 79 -5.68 0.37 -5.89
N VAL A 80 -5.34 0.86 -7.07
CA VAL A 80 -4.39 1.97 -7.20
C VAL A 80 -5.16 3.25 -7.47
N PRO A 81 -4.94 4.35 -6.71
CA PRO A 81 -5.72 5.57 -6.93
C PRO A 81 -5.72 6.01 -8.40
N GLY A 82 -6.90 6.35 -8.88
CA GLY A 82 -7.10 6.85 -10.21
C GLY A 82 -7.04 8.36 -10.25
N SER A 83 -7.75 8.94 -11.22
CA SER A 83 -7.53 10.35 -11.56
C SER A 83 -8.20 11.28 -10.53
N GLN A 84 -9.24 10.81 -9.86
CA GLN A 84 -10.00 11.57 -8.87
C GLN A 84 -10.04 10.75 -7.58
N PRO A 85 -10.07 11.38 -6.40
CA PRO A 85 -10.19 10.64 -5.15
C PRO A 85 -11.49 9.84 -5.12
N GLY A 86 -11.36 8.55 -4.76
CA GLY A 86 -12.50 7.63 -4.75
C GLY A 86 -12.60 6.78 -6.01
N GLU A 87 -11.70 7.02 -6.97
CA GLU A 87 -11.55 6.16 -8.14
C GLU A 87 -10.28 5.34 -8.03
N PHE A 88 -10.32 4.15 -8.62
CA PHE A 88 -9.16 3.25 -8.59
C PHE A 88 -9.08 2.46 -9.88
N THR A 89 -7.86 2.03 -10.17
CA THR A 89 -7.56 1.00 -11.16
C THR A 89 -7.07 -0.25 -10.43
N LEU A 90 -6.93 -1.35 -11.18
CA LEU A 90 -6.48 -2.61 -10.64
C LEU A 90 -4.96 -2.75 -10.82
N GLY A 91 -4.24 -2.91 -9.69
CA GLY A 91 -2.79 -2.98 -9.77
C GLY A 91 -2.31 -4.16 -10.60
N GLU A 92 -3.08 -5.24 -10.59
CA GLU A 92 -2.74 -6.48 -11.25
C GLU A 92 -3.28 -6.54 -12.68
N ILE A 93 -3.72 -5.43 -13.24
CA ILE A 93 -4.40 -5.51 -14.56
C ILE A 93 -3.53 -6.27 -15.60
N LYS A 94 -2.23 -5.99 -15.61
CA LYS A 94 -1.33 -6.51 -16.65
C LYS A 94 -1.09 -8.02 -16.51
N SER A 95 -1.61 -8.66 -15.46
CA SER A 95 -1.52 -10.12 -15.31
C SER A 95 -2.85 -10.83 -15.39
N ARG A 96 -3.93 -10.13 -15.69
CA ARG A 96 -5.25 -10.72 -15.71
C ARG A 96 -5.59 -11.12 -17.16
N PRO A 97 -5.71 -12.43 -17.45
CA PRO A 97 -5.98 -12.87 -18.82
C PRO A 97 -7.28 -12.26 -19.37
N GLY A 98 -7.18 -11.68 -20.55
CA GLY A 98 -8.33 -11.14 -21.24
C GLY A 98 -8.82 -9.79 -20.73
N MET A 99 -8.12 -9.16 -19.77
CA MET A 99 -8.65 -7.96 -19.16
C MET A 99 -7.99 -6.76 -19.83
N THR A 100 -8.80 -5.79 -20.27
CA THR A 100 -8.25 -4.59 -20.86
C THR A 100 -8.61 -3.30 -20.09
N SER A 101 -9.53 -3.35 -19.12
CA SER A 101 -9.94 -2.20 -18.35
CA SER A 101 -9.83 -2.19 -18.30
C SER A 101 -10.45 -2.67 -16.98
N TYR A 102 -10.23 -1.86 -15.93
CA TYR A 102 -10.84 -2.09 -14.63
C TYR A 102 -10.93 -0.75 -13.92
N LEU A 103 -12.15 -0.37 -13.51
CA LEU A 103 -12.40 0.88 -12.82
C LEU A 103 -13.26 0.61 -11.59
N VAL A 104 -12.86 1.25 -10.50
CA VAL A 104 -13.62 1.33 -9.25
C VAL A 104 -14.04 2.78 -9.03
N ARG A 105 -15.31 2.99 -8.69
CA ARG A 105 -15.75 4.31 -8.31
C ARG A 105 -16.62 4.23 -7.05
N VAL A 106 -16.15 4.82 -5.96
CA VAL A 106 -16.93 4.89 -4.75
C VAL A 106 -18.06 5.92 -4.98
N VAL A 107 -19.29 5.44 -4.95
CA VAL A 107 -20.50 6.21 -5.30
C VAL A 107 -20.96 7.05 -4.12
N SER A 108 -21.01 6.43 -2.95
CA SER A 108 -21.58 7.03 -1.75
CA SER A 108 -21.55 7.05 -1.75
C SER A 108 -21.02 6.29 -0.54
N THR A 109 -20.66 7.02 0.52
CA THR A 109 -20.34 6.40 1.78
C THR A 109 -20.46 7.43 2.89
N ASN A 110 -20.72 6.95 4.09
CA ASN A 110 -20.57 7.73 5.32
C ASN A 110 -19.47 7.17 6.21
N TYR A 111 -18.68 6.24 5.66
CA TYR A 111 -17.46 5.68 6.26
C TYR A 111 -17.68 4.77 7.47
N ASN A 112 -18.65 5.11 8.33
CA ASN A 112 -18.83 4.36 9.61
C ASN A 112 -20.01 3.40 9.56
N GLN A 113 -20.75 3.34 8.44
CA GLN A 113 -21.94 2.50 8.36
C GLN A 113 -22.04 1.82 7.00
N HIS A 114 -22.10 2.61 5.93
CA HIS A 114 -22.40 2.04 4.61
C HIS A 114 -21.51 2.65 3.53
N ALA A 115 -21.50 1.95 2.40
CA ALA A 115 -20.94 2.46 1.16
C ALA A 115 -21.64 1.76 0.00
N MET A 116 -21.65 2.45 -1.13
CA MET A 116 -21.97 1.82 -2.41
C MET A 116 -20.78 2.09 -3.33
N VAL A 117 -20.37 1.04 -4.02
CA VAL A 117 -19.18 1.11 -4.91
C VAL A 117 -19.55 0.47 -6.26
N PHE A 118 -19.16 1.17 -7.32
CA PHE A 118 -19.38 0.73 -8.69
C PHE A 118 -18.07 0.18 -9.27
N PHE A 119 -18.19 -0.93 -9.98
CA PHE A 119 -17.05 -1.59 -10.64
C PHE A 119 -17.39 -1.83 -12.10
N LYS A 120 -16.42 -1.56 -12.98
CA LYS A 120 -16.59 -1.85 -14.39
C LYS A 120 -15.28 -2.45 -14.92
N THR A 121 -15.37 -3.59 -15.60
CA THR A 121 -14.23 -4.22 -16.24
CA THR A 121 -14.20 -4.14 -16.25
C THR A 121 -14.57 -4.50 -17.70
N VAL A 122 -13.58 -4.50 -18.55
CA VAL A 122 -13.71 -5.08 -19.85
C VAL A 122 -12.79 -6.30 -19.87
N VAL A 123 -13.44 -7.46 -19.95
CA VAL A 123 -12.79 -8.77 -19.93
C VAL A 123 -13.32 -9.58 -21.12
N GLN A 124 -12.41 -10.27 -21.83
CA GLN A 124 -12.74 -10.99 -23.04
C GLN A 124 -13.59 -10.10 -23.97
N ASN A 125 -13.21 -8.81 -24.01
CA ASN A 125 -13.69 -7.86 -24.97
C ASN A 125 -15.19 -7.60 -24.79
N ARG A 126 -15.67 -7.70 -23.55
CA ARG A 126 -17.06 -7.38 -23.20
C ARG A 126 -17.12 -6.64 -21.87
N GLU A 127 -18.14 -5.81 -21.77
CA GLU A 127 -18.38 -5.03 -20.58
C GLU A 127 -18.98 -5.86 -19.46
N LYS A 128 -18.38 -5.75 -18.27
CA LYS A 128 -18.97 -6.32 -17.06
C LYS A 128 -19.04 -5.21 -16.01
N PHE A 129 -20.15 -5.11 -15.27
CA PHE A 129 -20.17 -4.14 -14.21
C PHE A 129 -21.01 -4.68 -13.07
N TRP A 130 -20.70 -4.14 -11.89
CA TRP A 130 -21.44 -4.52 -10.71
C TRP A 130 -21.37 -3.40 -9.66
N ILE A 131 -22.30 -3.45 -8.74
CA ILE A 131 -22.42 -2.51 -7.64
C ILE A 131 -22.45 -3.33 -6.36
N THR A 132 -21.70 -2.86 -5.37
CA THR A 132 -21.74 -3.48 -4.05
CA THR A 132 -21.69 -3.47 -4.06
C THR A 132 -22.27 -2.48 -3.04
N LEU A 133 -23.12 -3.00 -2.15
CA LEU A 133 -23.56 -2.34 -0.94
C LEU A 133 -22.77 -2.91 0.24
N TYR A 134 -21.91 -2.06 0.81
CA TYR A 134 -21.05 -2.43 1.94
C TYR A 134 -21.70 -1.96 3.23
N GLY A 135 -21.51 -2.74 4.29
CA GLY A 135 -21.83 -2.35 5.64
C GLY A 135 -20.63 -2.56 6.55
N ARG A 136 -20.50 -1.70 7.55
CA ARG A 136 -19.58 -1.96 8.62
C ARG A 136 -20.09 -3.09 9.54
N THR A 137 -21.38 -3.38 9.48
CA THR A 137 -22.09 -4.43 10.13
C THR A 137 -22.65 -5.36 9.05
N LYS A 138 -23.02 -6.57 9.45
CA LYS A 138 -23.54 -7.57 8.51
C LYS A 138 -24.94 -7.28 8.04
N GLU A 139 -25.67 -6.42 8.76
CA GLU A 139 -27.01 -6.04 8.35
C GLU A 139 -27.08 -4.52 8.26
N LEU A 140 -27.88 -4.04 7.30
CA LEU A 140 -28.15 -2.64 7.16
C LEU A 140 -29.68 -2.42 7.18
N THR A 141 -30.05 -1.15 7.25
CA THR A 141 -31.45 -0.75 7.29
C THR A 141 -32.16 -0.98 5.96
N SER A 142 -33.49 -1.14 6.05
CA SER A 142 -34.30 -1.25 4.85
C SER A 142 -34.11 -0.03 3.95
N GLU A 143 -33.97 1.18 4.52
CA GLU A 143 -33.84 2.38 3.71
C GLU A 143 -32.57 2.27 2.85
N LEU A 144 -31.47 1.78 3.45
CA LEU A 144 -30.21 1.73 2.70
C LEU A 144 -30.31 0.65 1.62
N LYS A 145 -30.93 -0.49 1.95
CA LYS A 145 -31.10 -1.54 0.97
C LYS A 145 -31.98 -1.08 -0.19
N GLU A 146 -33.07 -0.38 0.11
CA GLU A 146 -33.96 0.11 -0.91
C GLU A 146 -33.24 1.13 -1.80
N ASN A 147 -32.42 1.98 -1.20
CA ASN A 147 -31.67 2.95 -1.99
C ASN A 147 -30.71 2.21 -2.95
N PHE A 148 -30.12 1.10 -2.48
CA PHE A 148 -29.24 0.32 -3.32
C PHE A 148 -30.03 -0.31 -4.47
N ILE A 149 -31.22 -0.86 -4.20
CA ILE A 149 -32.04 -1.42 -5.26
C ILE A 149 -32.33 -0.32 -6.30
N ARG A 150 -32.79 0.85 -5.84
CA ARG A 150 -33.16 1.92 -6.74
C ARG A 150 -31.95 2.29 -7.61
N PHE A 151 -30.79 2.46 -6.98
CA PHE A 151 -29.57 2.83 -7.70
C PHE A 151 -29.20 1.78 -8.74
N SER A 152 -29.25 0.51 -8.33
CA SER A 152 -28.99 -0.61 -9.24
C SER A 152 -29.91 -0.55 -10.47
N LYS A 153 -31.20 -0.37 -10.22
CA LYS A 153 -32.17 -0.26 -11.34
C LYS A 153 -31.87 0.97 -12.19
N SER A 154 -31.41 2.06 -11.55
CA SER A 154 -31.08 3.31 -12.32
C SER A 154 -29.95 3.02 -13.33
N LEU A 155 -29.14 1.99 -13.06
CA LEU A 155 -28.04 1.62 -13.99
C LEU A 155 -28.44 0.44 -14.87
N GLY A 156 -29.72 0.10 -14.89
CA GLY A 156 -30.27 -0.83 -15.85
C GLY A 156 -30.40 -2.26 -15.32
N LEU A 157 -30.14 -2.47 -14.03
CA LEU A 157 -30.18 -3.83 -13.51
C LEU A 157 -31.57 -4.23 -13.05
N PRO A 158 -32.11 -5.35 -13.57
CA PRO A 158 -33.38 -5.85 -13.04
C PRO A 158 -33.27 -6.35 -11.60
N GLU A 159 -34.41 -6.36 -10.92
CA GLU A 159 -34.49 -6.87 -9.52
C GLU A 159 -33.85 -8.25 -9.38
N ASN A 160 -33.98 -9.13 -10.39
CA ASN A 160 -33.46 -10.51 -10.20
C ASN A 160 -31.95 -10.60 -10.46
N HIS A 161 -31.29 -9.45 -10.70
CA HIS A 161 -29.82 -9.37 -10.73
C HIS A 161 -29.29 -8.83 -9.39
N ILE A 162 -30.16 -8.51 -8.45
CA ILE A 162 -29.76 -7.94 -7.16
C ILE A 162 -29.84 -9.03 -6.09
N VAL A 163 -28.78 -9.20 -5.30
CA VAL A 163 -28.61 -10.31 -4.35
C VAL A 163 -28.26 -9.71 -3.00
N PHE A 164 -28.87 -10.24 -1.93
CA PHE A 164 -28.53 -9.89 -0.57
C PHE A 164 -27.94 -11.11 0.12
N PRO A 165 -26.60 -11.22 0.20
CA PRO A 165 -25.99 -12.42 0.77
C PRO A 165 -26.32 -12.63 2.25
N VAL A 166 -26.20 -13.89 2.66
CA VAL A 166 -26.62 -14.30 3.99
C VAL A 166 -25.46 -14.16 4.95
N PRO A 167 -25.62 -13.39 6.04
CA PRO A 167 -24.60 -13.36 7.10
C PRO A 167 -24.27 -14.76 7.63
N ILE A 168 -22.97 -14.98 7.91
CA ILE A 168 -22.46 -16.20 8.47
C ILE A 168 -21.53 -15.83 9.62
N ASP A 169 -21.25 -16.80 10.49
CA ASP A 169 -20.33 -16.63 11.61
C ASP A 169 -18.88 -17.02 11.26
N GLN A 170 -18.69 -17.84 10.22
CA GLN A 170 -17.37 -18.34 9.90
C GLN A 170 -16.64 -17.32 9.04
N CYS A 171 -15.31 -17.20 9.26
CA CYS A 171 -14.37 -16.54 8.32
C CYS A 171 -14.44 -15.01 8.40
N ILE A 172 -15.63 -14.44 8.26
CA ILE A 172 -15.75 -13.05 7.90
C ILE A 172 -15.59 -12.14 9.11
N ASP A 173 -15.52 -12.68 10.34
CA ASP A 173 -15.31 -11.84 11.51
C ASP A 173 -13.85 -11.87 11.96
N GLY A 174 -12.96 -12.49 11.17
CA GLY A 174 -11.52 -12.52 11.46
C GLY A 174 -11.16 -13.62 12.45
N SER B 1 13.49 23.47 17.45
CA SER B 1 13.42 22.00 17.27
C SER B 1 13.08 21.36 18.61
N ASP B 2 12.72 20.06 18.61
CA ASP B 2 12.50 19.38 19.89
C ASP B 2 12.67 17.88 19.73
N LEU B 3 12.39 17.18 20.83
CA LEU B 3 12.46 15.71 20.87
C LEU B 3 11.47 15.15 19.84
N ILE B 4 11.99 14.23 19.02
CA ILE B 4 11.20 13.39 18.05
C ILE B 4 11.41 11.92 18.40
N PRO B 5 10.56 11.36 19.27
CA PRO B 5 10.79 10.03 19.80
C PRO B 5 10.59 8.90 18.78
N ALA B 6 11.39 7.80 18.91
CA ALA B 6 11.21 6.71 18.00
C ALA B 6 9.82 6.13 18.19
N PRO B 7 9.13 5.80 17.08
CA PRO B 7 7.77 5.29 17.16
C PRO B 7 7.83 3.83 17.61
N PRO B 8 6.76 3.29 18.23
CA PRO B 8 6.71 1.85 18.49
C PRO B 8 6.73 1.15 17.13
N LEU B 9 7.36 -0.02 17.08
CA LEU B 9 7.48 -0.77 15.83
C LEU B 9 6.09 -1.14 15.27
N SER B 10 5.07 -1.24 16.13
CA SER B 10 3.66 -1.50 15.71
C SER B 10 3.17 -0.45 14.72
N LYS B 11 3.75 0.73 14.78
CA LYS B 11 3.33 1.87 13.98
C LYS B 11 4.13 1.93 12.68
N VAL B 12 5.12 1.03 12.50
CA VAL B 12 5.93 1.04 11.28
C VAL B 12 5.50 -0.13 10.42
N PRO B 13 4.85 0.16 9.28
CA PRO B 13 4.38 -0.91 8.41
C PRO B 13 5.55 -1.73 7.86
N LEU B 14 5.25 -3.00 7.56
CA LEU B 14 6.12 -3.92 6.93
C LEU B 14 5.59 -4.25 5.54
N GLN B 15 6.44 -4.15 4.52
CA GLN B 15 6.08 -4.54 3.16
C GLN B 15 5.61 -5.99 3.15
N GLN B 16 4.37 -6.22 2.69
CA GLN B 16 3.86 -7.60 2.71
C GLN B 16 4.61 -8.43 1.64
N ASN B 17 4.82 -9.72 1.95
CA ASN B 17 5.41 -10.67 1.01
C ASN B 17 6.74 -10.15 0.47
N PHE B 18 7.59 -9.63 1.38
CA PHE B 18 8.83 -9.05 1.01
C PHE B 18 9.67 -10.07 0.23
N GLN B 19 10.28 -9.60 -0.86
CA GLN B 19 11.05 -10.45 -1.78
C GLN B 19 12.52 -10.03 -1.77
N ASP B 20 13.34 -10.79 -1.01
CA ASP B 20 14.74 -10.46 -0.83
C ASP B 20 15.50 -10.45 -2.17
N ASN B 21 15.12 -11.34 -3.10
CA ASN B 21 15.81 -11.49 -4.38
C ASN B 21 15.22 -10.58 -5.45
N GLN B 22 14.34 -9.66 -5.05
CA GLN B 22 13.97 -8.53 -5.94
CA GLN B 22 13.95 -8.53 -5.92
C GLN B 22 14.45 -7.21 -5.32
N PHE B 23 14.73 -7.20 -4.01
CA PHE B 23 15.21 -5.99 -3.35
C PHE B 23 16.70 -5.76 -3.51
N HIS B 24 17.42 -6.81 -3.91
CA HIS B 24 18.85 -6.72 -4.05
C HIS B 24 19.27 -5.72 -5.14
N GLY B 25 20.57 -5.40 -5.13
CA GLY B 25 21.17 -4.51 -6.09
C GLY B 25 21.31 -3.11 -5.54
N LYS B 26 21.53 -2.17 -6.44
CA LYS B 26 21.82 -0.79 -6.05
C LYS B 26 20.56 0.06 -5.92
N TRP B 27 20.51 0.75 -4.78
CA TRP B 27 19.55 1.78 -4.51
C TRP B 27 20.29 3.10 -4.26
N TYR B 28 19.71 4.18 -4.77
CA TYR B 28 20.17 5.51 -4.45
C TYR B 28 19.34 6.10 -3.30
N VAL B 29 20.01 6.81 -2.38
CA VAL B 29 19.32 7.42 -1.28
C VAL B 29 18.83 8.80 -1.75
N VAL B 30 17.61 8.79 -2.29
CA VAL B 30 16.95 9.95 -2.87
C VAL B 30 16.41 10.85 -1.77
N GLY B 31 15.99 10.27 -0.65
CA GLY B 31 15.54 11.08 0.46
C GLY B 31 15.95 10.42 1.76
N PHE B 32 16.06 11.22 2.80
CA PHE B 32 16.49 10.77 4.11
CA PHE B 32 16.18 10.61 4.11
C PHE B 32 15.74 11.62 5.16
N ALA B 33 15.30 11.02 6.26
CA ALA B 33 14.77 11.83 7.36
C ALA B 33 15.24 11.22 8.66
N GLU B 34 15.86 11.99 9.54
CA GLU B 34 16.32 11.42 10.79
C GLU B 34 15.75 12.23 11.95
N ASN B 35 15.75 11.63 13.12
CA ASN B 35 14.98 12.20 14.22
C ASN B 35 15.74 13.31 14.93
N ILE B 36 17.03 13.51 14.59
CA ILE B 36 17.88 14.39 15.36
C ILE B 36 18.65 15.26 14.38
N GLN B 37 18.41 16.57 14.46
CA GLN B 37 19.09 17.60 13.67
C GLN B 37 18.80 17.45 12.17
N GLN B 38 18.89 18.60 11.50
CA GLN B 38 19.16 18.74 10.07
C GLN B 38 20.21 19.86 9.88
N ARG B 39 19.83 21.11 10.23
CA ARG B 39 20.71 22.32 10.31
C ARG B 39 20.46 23.27 9.13
N GLU B 40 20.20 24.53 9.48
CA GLU B 40 19.65 25.57 8.59
C GLU B 40 20.74 26.05 7.61
N ASP B 41 20.35 26.14 6.33
CA ASP B 41 21.17 26.61 5.21
C ASP B 41 22.47 25.79 5.10
N LYS B 42 22.48 24.58 5.66
CA LYS B 42 23.64 23.73 5.66
C LYS B 42 23.86 23.19 4.23
N ASP B 43 25.13 22.94 3.91
CA ASP B 43 25.53 22.38 2.64
C ASP B 43 24.67 21.15 2.34
N PRO B 44 23.91 21.12 1.22
CA PRO B 44 23.05 19.96 0.95
C PRO B 44 23.93 18.73 0.86
N PRO B 45 23.58 17.59 1.51
CA PRO B 45 24.44 16.44 1.40
C PRO B 45 24.41 15.85 -0.02
N LYS B 46 25.55 15.29 -0.42
CA LYS B 46 25.66 14.58 -1.66
CA LYS B 46 25.69 14.59 -1.67
C LYS B 46 24.99 13.21 -1.51
N MET B 47 24.30 12.80 -2.55
CA MET B 47 23.65 11.49 -2.57
C MET B 47 24.67 10.37 -2.40
N ILE B 48 24.24 9.31 -1.70
CA ILE B 48 24.96 8.05 -1.62
C ILE B 48 24.17 6.97 -2.36
N ALA B 49 24.88 5.88 -2.67
CA ALA B 49 24.23 4.67 -3.07
C ALA B 49 24.41 3.61 -2.00
N THR B 50 23.48 2.66 -1.96
CA THR B 50 23.56 1.52 -1.07
C THR B 50 23.27 0.27 -1.87
N ILE B 51 24.25 -0.64 -1.87
CA ILE B 51 24.16 -1.83 -2.63
C ILE B 51 23.82 -2.98 -1.68
N TYR B 52 22.74 -3.69 -2.00
CA TYR B 52 22.27 -4.87 -1.25
C TYR B 52 22.65 -6.14 -2.04
N GLU B 53 23.67 -6.84 -1.56
CA GLU B 53 24.13 -8.05 -2.22
C GLU B 53 23.60 -9.22 -1.41
N LEU B 54 22.70 -9.99 -2.00
CA LEU B 54 22.11 -11.10 -1.34
C LEU B 54 23.10 -12.27 -1.36
N LYS B 55 23.45 -12.76 -0.18
CA LYS B 55 24.40 -13.86 -0.05
C LYS B 55 23.69 -15.22 -0.02
N GLU B 56 24.48 -16.28 -0.23
CA GLU B 56 23.95 -17.62 -0.23
C GLU B 56 23.23 -17.95 1.10
N ASP B 57 23.68 -17.38 2.24
CA ASP B 57 23.07 -17.68 3.53
C ASP B 57 21.84 -16.78 3.79
N LYS B 58 21.46 -15.98 2.77
CA LYS B 58 20.25 -15.13 2.73
C LYS B 58 20.38 -13.86 3.58
N SER B 59 21.56 -13.59 4.11
CA SER B 59 21.88 -12.24 4.60
CA SER B 59 21.85 -12.24 4.58
C SER B 59 22.27 -11.35 3.41
N TYR B 60 22.24 -10.04 3.64
CA TYR B 60 22.76 -9.07 2.70
C TYR B 60 24.11 -8.52 3.17
N ASN B 61 25.07 -8.45 2.24
CA ASN B 61 26.16 -7.47 2.33
C ASN B 61 25.60 -6.14 1.86
N VAL B 62 25.71 -5.11 2.70
CA VAL B 62 25.14 -3.82 2.44
C VAL B 62 26.30 -2.82 2.36
N THR B 63 26.52 -2.26 1.16
CA THR B 63 27.65 -1.35 0.95
C THR B 63 27.10 0.05 0.66
N ASN B 64 27.50 1.00 1.50
CA ASN B 64 27.23 2.39 1.23
C ASN B 64 28.43 2.99 0.48
N VAL B 65 28.12 3.66 -0.63
CA VAL B 65 29.13 4.24 -1.52
C VAL B 65 28.89 5.74 -1.49
N ALA B 66 29.94 6.51 -1.22
CA ALA B 66 29.81 7.97 -1.08
C ALA B 66 31.02 8.65 -1.71
N SER B 67 30.78 9.89 -2.14
CA SER B 67 31.86 10.84 -2.41
C SER B 67 32.33 11.50 -1.09
N ASN B 68 33.65 11.69 -0.95
CA ASN B 68 34.38 12.55 0.04
C ASN B 68 35.46 13.28 -0.78
N TRP B 69 36.28 14.15 -0.20
CA TRP B 69 37.10 15.00 -1.05
C TRP B 69 38.15 14.20 -1.85
N GLU B 70 38.05 14.28 -3.18
CA GLU B 70 38.97 13.65 -4.19
C GLU B 70 38.98 12.12 -4.06
N LYS B 71 37.93 11.55 -3.49
CA LYS B 71 37.93 10.13 -3.24
C LYS B 71 36.49 9.62 -3.20
N CYS B 72 36.38 8.30 -3.31
CA CYS B 72 35.15 7.60 -3.10
C CYS B 72 35.35 6.68 -1.90
N THR B 73 34.34 6.55 -1.04
CA THR B 73 34.46 5.69 0.11
CA THR B 73 34.45 5.71 0.14
C THR B 73 33.34 4.66 0.11
N TYR B 74 33.69 3.45 0.52
CA TYR B 74 32.62 2.57 0.77
CA TYR B 74 32.82 2.27 0.60
C TYR B 74 32.81 1.84 2.08
N ARG B 75 31.65 1.60 2.67
CA ARG B 75 31.50 1.04 4.01
C ARG B 75 30.54 -0.14 3.92
N ILE B 76 30.93 -1.28 4.51
CA ILE B 76 30.17 -2.52 4.40
C ILE B 76 29.66 -2.91 5.77
N LYS B 77 28.43 -3.41 5.81
CA LYS B 77 27.85 -4.04 6.97
C LYS B 77 26.98 -5.18 6.47
N THR B 78 26.46 -5.98 7.40
CA THR B 78 25.63 -7.13 7.12
CA THR B 78 25.58 -7.04 7.01
C THR B 78 24.23 -6.93 7.71
N PHE B 79 23.21 -7.24 6.91
CA PHE B 79 21.85 -7.30 7.40
C PHE B 79 21.42 -8.77 7.42
N VAL B 80 21.09 -9.24 8.61
CA VAL B 80 20.71 -10.63 8.84
C VAL B 80 19.19 -10.66 8.97
N PRO B 81 18.50 -11.55 8.24
CA PRO B 81 17.06 -11.61 8.35
C PRO B 81 16.57 -11.72 9.80
N GLY B 82 15.55 -10.91 10.11
CA GLY B 82 14.92 -10.94 11.40
C GLY B 82 13.75 -11.91 11.43
N SER B 83 12.78 -11.64 12.28
CA SER B 83 11.75 -12.63 12.57
C SER B 83 10.69 -12.71 11.47
N GLN B 84 10.53 -11.63 10.71
CA GLN B 84 9.53 -11.53 9.64
C GLN B 84 10.22 -11.07 8.35
N PRO B 85 9.77 -11.52 7.17
CA PRO B 85 10.42 -11.11 5.92
C PRO B 85 10.40 -9.58 5.76
N GLY B 86 11.56 -8.98 5.46
CA GLY B 86 11.67 -7.56 5.33
C GLY B 86 12.19 -6.85 6.57
N GLU B 87 12.41 -7.60 7.63
CA GLU B 87 13.08 -7.12 8.83
C GLU B 87 14.50 -7.65 8.89
N PHE B 88 15.41 -6.87 9.46
CA PHE B 88 16.79 -7.29 9.58
C PHE B 88 17.39 -6.78 10.89
N THR B 89 18.41 -7.50 11.32
CA THR B 89 19.31 -7.07 12.39
C THR B 89 20.70 -6.86 11.78
N LEU B 90 21.61 -6.30 12.58
CA LEU B 90 22.97 -5.98 12.12
C LEU B 90 23.88 -7.16 12.48
N GLY B 91 24.55 -7.69 11.46
CA GLY B 91 25.40 -8.84 11.67
C GLY B 91 26.58 -8.55 12.59
N GLU B 92 27.06 -7.31 12.58
CA GLU B 92 28.22 -6.91 13.34
C GLU B 92 27.86 -6.37 14.72
N ILE B 93 26.63 -6.60 15.20
CA ILE B 93 26.20 -5.98 16.47
C ILE B 93 27.20 -6.28 17.59
N LYS B 94 27.75 -7.50 17.67
CA LYS B 94 28.57 -7.88 18.84
C LYS B 94 29.95 -7.19 18.82
N SER B 95 30.29 -6.43 17.76
CA SER B 95 31.52 -5.63 17.76
C SER B 95 31.25 -4.12 17.74
N ARG B 96 30.00 -3.70 17.93
CA ARG B 96 29.69 -2.27 17.86
CA ARG B 96 29.64 -2.28 17.86
C ARG B 96 29.67 -1.68 19.26
N PRO B 97 30.63 -0.79 19.60
CA PRO B 97 30.73 -0.29 20.97
C PRO B 97 29.47 0.47 21.38
N GLY B 98 28.92 0.10 22.55
CA GLY B 98 27.77 0.79 23.07
C GLY B 98 26.43 0.39 22.45
N MET B 99 26.41 -0.45 21.43
CA MET B 99 25.20 -0.70 20.69
C MET B 99 24.44 -1.85 21.36
N THR B 100 23.16 -1.64 21.64
CA THR B 100 22.32 -2.72 22.15
C THR B 100 21.22 -3.15 21.16
N SER B 101 20.91 -2.35 20.13
CA SER B 101 19.86 -2.67 19.22
C SER B 101 20.14 -1.99 17.87
N TYR B 102 19.84 -2.71 16.79
CA TYR B 102 19.84 -2.20 15.45
C TYR B 102 18.77 -2.96 14.66
N LEU B 103 17.76 -2.25 14.16
CA LEU B 103 16.62 -2.87 13.51
C LEU B 103 16.35 -2.14 12.20
N VAL B 104 16.06 -2.94 11.18
CA VAL B 104 15.69 -2.48 9.83
C VAL B 104 14.32 -3.03 9.52
N ARG B 105 13.44 -2.20 8.94
CA ARG B 105 12.14 -2.65 8.47
C ARG B 105 11.88 -2.04 7.09
N VAL B 106 11.75 -2.89 6.08
CA VAL B 106 11.34 -2.39 4.77
C VAL B 106 9.82 -2.12 4.81
N VAL B 107 9.47 -0.83 4.67
CA VAL B 107 8.10 -0.36 4.86
C VAL B 107 7.27 -0.58 3.60
N SER B 108 7.84 -0.21 2.45
CA SER B 108 7.09 -0.19 1.20
C SER B 108 8.13 -0.24 0.08
N THR B 109 7.86 -1.04 -0.95
CA THR B 109 8.71 -1.02 -2.15
C THR B 109 7.93 -1.62 -3.31
N ASN B 110 8.28 -1.18 -4.52
CA ASN B 110 7.85 -1.89 -5.74
C ASN B 110 9.04 -2.53 -6.45
N TYR B 111 10.19 -2.56 -5.78
CA TYR B 111 11.41 -3.30 -6.18
C TYR B 111 12.15 -2.73 -7.39
N ASN B 112 11.44 -2.25 -8.42
CA ASN B 112 12.08 -1.76 -9.65
C ASN B 112 12.15 -0.23 -9.74
N GLN B 113 11.63 0.47 -8.74
CA GLN B 113 11.61 1.93 -8.78
C GLN B 113 11.97 2.55 -7.42
N HIS B 114 11.18 2.25 -6.37
CA HIS B 114 11.33 2.96 -5.12
C HIS B 114 11.22 2.01 -3.91
N ALA B 115 11.67 2.51 -2.76
CA ALA B 115 11.44 1.86 -1.50
C ALA B 115 11.46 2.90 -0.39
N MET B 116 10.78 2.59 0.71
CA MET B 116 10.94 3.36 1.95
C MET B 116 11.32 2.35 3.03
N VAL B 117 12.40 2.68 3.76
CA VAL B 117 12.99 1.78 4.75
C VAL B 117 13.19 2.53 6.06
N PHE B 118 12.82 1.86 7.14
CA PHE B 118 12.94 2.38 8.51
C PHE B 118 14.13 1.72 9.21
N PHE B 119 14.87 2.52 9.95
CA PHE B 119 16.02 2.09 10.72
C PHE B 119 15.91 2.64 12.14
N LYS B 120 16.25 1.84 13.14
CA LYS B 120 16.25 2.27 14.52
C LYS B 120 17.42 1.62 15.25
N THR B 121 18.18 2.41 16.01
CA THR B 121 19.28 1.93 16.82
C THR B 121 19.13 2.41 18.26
N VAL B 122 19.77 1.66 19.16
CA VAL B 122 19.99 2.07 20.51
C VAL B 122 21.49 1.91 20.77
N VAL B 123 22.13 3.05 21.02
CA VAL B 123 23.58 3.13 21.25
C VAL B 123 23.79 4.05 22.45
N GLN B 124 24.59 3.62 23.41
CA GLN B 124 24.81 4.33 24.68
C GLN B 124 23.44 4.72 25.29
N ASN B 125 22.43 3.85 25.17
CA ASN B 125 21.14 4.02 25.77
C ASN B 125 20.38 5.22 25.20
N ARG B 126 20.67 5.57 23.94
CA ARG B 126 19.97 6.60 23.22
C ARG B 126 19.32 5.96 21.98
N GLU B 127 18.02 6.23 21.80
CA GLU B 127 17.31 5.82 20.61
C GLU B 127 17.63 6.79 19.48
N LYS B 128 17.83 6.26 18.29
CA LYS B 128 17.88 7.05 17.09
C LYS B 128 17.04 6.34 16.03
N PHE B 129 16.32 7.08 15.18
CA PHE B 129 15.73 6.40 14.03
C PHE B 129 15.82 7.31 12.82
N TRP B 130 15.76 6.68 11.65
CA TRP B 130 15.74 7.39 10.42
C TRP B 130 14.96 6.58 9.37
N ILE B 131 14.57 7.26 8.30
CA ILE B 131 13.83 6.70 7.19
C ILE B 131 14.57 7.08 5.91
N THR B 132 14.68 6.14 4.97
CA THR B 132 15.22 6.40 3.67
C THR B 132 14.16 6.21 2.59
N LEU B 133 14.24 7.06 1.57
CA LEU B 133 13.57 6.91 0.29
C LEU B 133 14.61 6.50 -0.72
N TYR B 134 14.52 5.24 -1.16
CA TYR B 134 15.42 4.68 -2.13
C TYR B 134 14.81 4.82 -3.53
N GLY B 135 15.69 5.05 -4.52
CA GLY B 135 15.32 4.98 -5.90
C GLY B 135 16.26 4.07 -6.68
N ARG B 136 15.73 3.41 -7.71
CA ARG B 136 16.61 2.69 -8.61
C ARG B 136 17.33 3.69 -9.55
N THR B 137 16.78 4.90 -9.64
CA THR B 137 17.34 6.03 -10.34
C THR B 137 17.67 7.10 -9.29
N LYS B 138 18.52 8.05 -9.67
CA LYS B 138 18.96 9.11 -8.75
C LYS B 138 17.87 10.15 -8.51
N GLU B 139 16.89 10.22 -9.40
CA GLU B 139 15.76 11.14 -9.20
C GLU B 139 14.48 10.33 -9.24
N LEU B 140 13.50 10.76 -8.44
CA LEU B 140 12.17 10.20 -8.41
C LEU B 140 11.16 11.34 -8.64
N THR B 141 9.91 10.94 -8.83
CA THR B 141 8.87 11.88 -9.10
C THR B 141 8.46 12.70 -7.85
N SER B 142 7.83 13.87 -8.10
CA SER B 142 7.27 14.63 -7.01
C SER B 142 6.25 13.80 -6.23
N GLU B 143 5.45 12.96 -6.90
CA GLU B 143 4.44 12.19 -6.20
C GLU B 143 5.11 11.27 -5.17
N LEU B 144 6.20 10.62 -5.58
CA LEU B 144 6.88 9.69 -4.67
C LEU B 144 7.56 10.46 -3.51
N LYS B 145 8.14 11.62 -3.81
CA LYS B 145 8.75 12.42 -2.77
C LYS B 145 7.69 12.92 -1.76
N GLU B 146 6.54 13.40 -2.28
CA GLU B 146 5.49 13.88 -1.43
C GLU B 146 4.99 12.76 -0.53
N ASN B 147 4.90 11.53 -1.07
CA ASN B 147 4.46 10.49 -0.26
CA ASN B 147 4.52 10.30 -0.34
C ASN B 147 5.47 10.10 0.84
N PHE B 148 6.77 10.24 0.55
CA PHE B 148 7.81 10.05 1.56
C PHE B 148 7.67 11.13 2.65
N ILE B 149 7.43 12.38 2.25
CA ILE B 149 7.19 13.43 3.24
C ILE B 149 6.01 13.07 4.14
N ARG B 150 4.90 12.67 3.55
CA ARG B 150 3.71 12.30 4.31
C ARG B 150 4.06 11.20 5.32
N PHE B 151 4.72 10.12 4.83
CA PHE B 151 5.07 9.01 5.71
C PHE B 151 6.00 9.46 6.83
N SER B 152 7.00 10.27 6.50
CA SER B 152 7.88 10.84 7.52
C SER B 152 7.10 11.58 8.61
N LYS B 153 6.19 12.46 8.21
CA LYS B 153 5.38 13.21 9.14
C LYS B 153 4.51 12.24 9.94
N SER B 154 4.03 11.15 9.33
CA SER B 154 3.23 10.16 10.06
C SER B 154 4.00 9.55 11.25
N LEU B 155 5.33 9.58 11.18
CA LEU B 155 6.20 9.08 12.26
C LEU B 155 6.76 10.24 13.10
N GLY B 156 6.19 11.43 12.92
CA GLY B 156 6.46 12.56 13.79
C GLY B 156 7.59 13.45 13.33
N LEU B 157 8.15 13.19 12.14
CA LEU B 157 9.26 13.97 11.65
C LEU B 157 8.78 15.27 11.00
N PRO B 158 9.27 16.44 11.47
CA PRO B 158 8.99 17.69 10.78
C PRO B 158 9.61 17.77 9.38
N GLU B 159 9.03 18.64 8.57
CA GLU B 159 9.52 18.92 7.24
C GLU B 159 11.02 19.22 7.19
N ASN B 160 11.51 19.99 8.18
CA ASN B 160 12.91 20.42 8.14
C ASN B 160 13.86 19.33 8.65
N HIS B 161 13.34 18.13 8.92
CA HIS B 161 14.15 16.92 9.15
C HIS B 161 14.27 16.08 7.89
N ILE B 162 13.57 16.46 6.82
CA ILE B 162 13.52 15.66 5.60
C ILE B 162 14.46 16.32 4.60
N VAL B 163 15.37 15.50 4.09
CA VAL B 163 16.50 15.94 3.25
C VAL B 163 16.39 15.19 1.93
N PHE B 164 16.56 15.91 0.83
CA PHE B 164 16.67 15.29 -0.48
C PHE B 164 18.08 15.52 -1.00
N PRO B 165 18.98 14.52 -0.85
CA PRO B 165 20.38 14.73 -1.22
C PRO B 165 20.55 15.04 -2.71
N VAL B 166 21.65 15.71 -3.00
CA VAL B 166 21.94 16.14 -4.37
C VAL B 166 22.51 14.98 -5.15
N PRO B 167 21.90 14.62 -6.29
CA PRO B 167 22.49 13.64 -7.19
C PRO B 167 23.89 14.14 -7.60
N ILE B 168 24.88 13.30 -7.47
CA ILE B 168 26.18 13.62 -7.93
C ILE B 168 26.54 12.58 -9.00
N ASP B 169 27.55 12.93 -9.79
CA ASP B 169 28.01 12.14 -10.90
C ASP B 169 29.18 11.23 -10.46
N GLN B 170 29.91 11.59 -9.40
CA GLN B 170 31.07 10.83 -8.98
C GLN B 170 30.64 9.69 -8.05
N CYS B 171 31.42 8.60 -8.09
CA CYS B 171 31.43 7.52 -7.10
C CYS B 171 30.19 6.60 -7.14
N ILE B 172 28.99 7.16 -7.09
CA ILE B 172 27.80 6.40 -6.73
C ILE B 172 27.25 5.59 -7.89
N ASP B 173 27.77 5.75 -9.11
CA ASP B 173 27.27 4.97 -10.24
C ASP B 173 28.22 3.81 -10.54
N GLY B 174 29.29 3.67 -9.75
CA GLY B 174 30.24 2.53 -9.88
C GLY B 174 31.26 2.76 -10.99
#